data_7OQN
#
_entry.id   7OQN
#
_cell.length_a   70.059
_cell.length_b   61.891
_cell.length_c   70.097
_cell.angle_alpha   90.000
_cell.angle_beta   113.120
_cell.angle_gamma   90.000
#
_symmetry.space_group_name_H-M   'P 1 21 1'
#
loop_
_entity.id
_entity.type
_entity.pdbx_description
1 polymer "Uridine 5'-monophosphate synthase"
2 polymer "Uridine 5'-monophosphate synthase"
3 non-polymer GLYCEROL
4 non-polymer 'SULFATE ION'
5 non-polymer "URIDINE-5'-MONOPHOSPHATE"
6 water water
#
loop_
_entity_poly.entity_id
_entity_poly.type
_entity_poly.pdbx_seq_one_letter_code
_entity_poly.pdbx_strand_id
1 'polypeptide(L)'
;ELSFGARAELPRIHPVASKLLRLMQKKETNLCLSADVSLARELLQLADALGPSICMLKTHVDILNDFTLDVMKELITLAK
(CSS)HEFLIFEDR(ALY)FADIGNTVKKQYEGGIFKIASWADLVNAHVVPGSGVVKGLQEVGLPLHRGCLLIAEMSSTG
SLATGDYTRAAVRMAEEHSEFVVGFISGSRVSMKPEFLHLTPGVQLEAGGDNLGQQYNSPQEVIGKRGSDIIIVGRGIIS
AADRLEAAEMYRKAAWEAYLSRLGV
;
A
2 'polypeptide(L)'
;ELSFGARAELPRIHPVASKLLRLMQKKETNLCLSADVSLARELLQLADALGPSICMLKTHVDILNDFTLDVMKELITLAK
CHEFLIFEDR(ALY)FADIGNTVKKQYEGGIFKIASWADLVNAHVVPGSGVVKGLQEVGLPLHRGCLLIAEMSSTGSLAT
GDYTRAAVRMAEEHSEFVVGFISGSRVSMKPEFLHLTPGVQLEAGGDNLGQQYNSPQEVIGKRGSDIIIVGRGIISAADR
LEAAEMYRKAAWEAYLSRLGV
;
B
#
loop_
_chem_comp.id
_chem_comp.type
_chem_comp.name
_chem_comp.formula
GOL non-polymer GLYCEROL 'C3 H8 O3'
SO4 non-polymer 'SULFATE ION' 'O4 S -2'
U5P non-polymer URIDINE-5'-MONOPHOSPHATE 'C9 H13 N2 O9 P'
#
# COMPACT_ATOMS: atom_id res chain seq x y z
N GLU A 1 24.17 -1.80 25.91
CA GLU A 1 24.02 -1.63 24.43
C GLU A 1 25.17 -2.34 23.70
N LEU A 2 24.83 -3.11 22.68
CA LEU A 2 25.77 -3.91 21.88
C LEU A 2 26.06 -3.23 20.55
N SER A 3 27.26 -3.43 20.03
CA SER A 3 27.65 -3.06 18.66
C SER A 3 26.78 -3.79 17.64
N PHE A 4 26.76 -3.28 16.42
CA PHE A 4 26.09 -3.99 15.31
C PHE A 4 26.67 -5.39 15.17
N GLY A 5 28.00 -5.52 15.27
CA GLY A 5 28.64 -6.82 15.08
C GLY A 5 28.22 -7.82 16.14
N ALA A 6 28.05 -7.39 17.39
CA ALA A 6 27.59 -8.28 18.48
C ALA A 6 26.10 -8.57 18.30
N ARG A 7 25.32 -7.59 17.88
CA ARG A 7 23.87 -7.83 17.66
C ARG A 7 23.69 -8.90 16.58
N ALA A 8 24.57 -8.96 15.59
CA ALA A 8 24.53 -9.95 14.49
C ALA A 8 24.62 -11.38 15.04
N GLU A 9 25.14 -11.55 16.26
CA GLU A 9 25.31 -12.90 16.84
C GLU A 9 24.25 -13.22 17.90
N LEU A 10 23.28 -12.35 18.14
CA LEU A 10 22.30 -12.61 19.23
C LEU A 10 21.55 -13.91 18.95
N PRO A 11 21.23 -14.70 19.99
CA PRO A 11 20.56 -15.98 19.81
C PRO A 11 19.31 -15.95 18.94
N ARG A 12 18.49 -14.91 19.10
CA ARG A 12 17.17 -14.82 18.43
C ARG A 12 17.30 -14.01 17.13
N ILE A 13 18.50 -13.68 16.68
CA ILE A 13 18.66 -12.84 15.45
C ILE A 13 18.11 -13.61 14.25
N HIS A 14 17.46 -12.89 13.35
CA HIS A 14 17.03 -13.43 12.05
C HIS A 14 18.22 -13.44 11.12
N PRO A 15 18.39 -14.45 10.25
CA PRO A 15 19.53 -14.49 9.34
C PRO A 15 19.69 -13.24 8.45
N VAL A 16 18.58 -12.64 8.04
CA VAL A 16 18.67 -11.44 7.17
C VAL A 16 19.20 -10.28 8.02
N ALA A 17 18.69 -10.13 9.25
CA ALA A 17 19.19 -9.08 10.17
C ALA A 17 20.69 -9.32 10.45
N SER A 18 21.08 -10.57 10.69
N SER A 18 21.11 -10.56 10.68
CA SER A 18 22.49 -10.89 10.98
CA SER A 18 22.53 -10.85 11.01
C SER A 18 23.39 -10.47 9.82
C SER A 18 23.43 -10.50 9.82
N LYS A 19 23.00 -10.82 8.60
CA LYS A 19 23.77 -10.48 7.37
C LYS A 19 23.93 -8.96 7.29
N LEU A 20 22.84 -8.25 7.52
CA LEU A 20 22.85 -6.77 7.46
C LEU A 20 23.78 -6.21 8.55
N LEU A 21 23.61 -6.65 9.79
CA LEU A 21 24.40 -6.09 10.91
C LEU A 21 25.90 -6.36 10.70
N ARG A 22 26.24 -7.53 10.18
CA ARG A 22 27.66 -7.87 9.91
C ARG A 22 28.22 -6.90 8.86
N LEU A 23 27.50 -6.63 7.76
CA LEU A 23 28.07 -5.76 6.71
C LEU A 23 28.04 -4.30 7.17
N MET A 24 27.12 -3.92 8.05
CA MET A 24 27.14 -2.56 8.64
C MET A 24 28.45 -2.36 9.40
N GLN A 25 28.77 -3.32 10.26
CA GLN A 25 30.01 -3.26 11.07
C GLN A 25 31.22 -3.27 10.16
N LYS A 26 31.27 -4.18 9.20
CA LYS A 26 32.45 -4.35 8.31
C LYS A 26 32.72 -3.05 7.54
N LYS A 27 31.68 -2.43 7.01
CA LYS A 27 31.82 -1.28 6.09
C LYS A 27 31.71 0.06 6.81
N GLU A 28 31.39 0.06 8.10
CA GLU A 28 31.14 1.28 8.91
C GLU A 28 30.07 2.11 8.21
N THR A 29 28.95 1.48 7.88
CA THR A 29 27.79 2.23 7.34
C THR A 29 26.49 1.74 7.95
N ASN A 30 25.68 2.71 8.37
CA ASN A 30 24.27 2.51 8.78
C ASN A 30 23.40 3.44 7.94
N LEU A 31 23.78 3.62 6.68
CA LEU A 31 23.03 4.43 5.72
C LEU A 31 22.31 3.51 4.74
N CYS A 32 21.01 3.76 4.60
CA CYS A 32 20.16 3.17 3.55
C CYS A 32 19.86 4.24 2.51
N LEU A 33 20.29 4.04 1.28
CA LEU A 33 19.96 4.96 0.17
C LEU A 33 18.51 4.71 -0.23
N SER A 34 17.70 5.76 -0.27
CA SER A 34 16.34 5.70 -0.85
C SER A 34 16.46 6.06 -2.33
N ALA A 35 16.58 5.08 -3.22
CA ALA A 35 16.90 5.26 -4.64
C ALA A 35 15.63 5.67 -5.39
N ASP A 36 15.16 6.88 -5.14
CA ASP A 36 13.85 7.36 -5.63
C ASP A 36 14.04 8.00 -6.99
N VAL A 37 14.22 7.16 -7.98
CA VAL A 37 14.47 7.53 -9.39
C VAL A 37 13.51 6.75 -10.27
N SER A 38 13.34 7.21 -11.51
N SER A 38 13.25 7.29 -11.46
CA SER A 38 12.41 6.58 -12.47
CA SER A 38 12.24 6.77 -12.42
C SER A 38 13.18 5.83 -13.57
C SER A 38 12.91 5.87 -13.46
N LEU A 39 14.50 6.02 -13.71
N LEU A 39 14.25 5.85 -13.49
CA LEU A 39 15.29 5.35 -14.76
CA LEU A 39 15.07 5.33 -14.63
C LEU A 39 16.10 4.21 -14.17
C LEU A 39 16.03 4.24 -14.15
N ALA A 40 15.96 3.05 -14.76
CA ALA A 40 16.80 1.89 -14.41
C ALA A 40 18.29 2.27 -14.47
N ARG A 41 18.70 3.00 -15.51
CA ARG A 41 20.14 3.29 -15.65
C ARG A 41 20.60 4.15 -14.47
N GLU A 42 19.80 5.11 -14.03
CA GLU A 42 20.19 5.95 -12.87
C GLU A 42 20.21 5.10 -11.60
N LEU A 43 19.22 4.23 -11.42
CA LEU A 43 19.17 3.33 -10.25
C LEU A 43 20.48 2.52 -10.18
N LEU A 44 20.87 1.92 -11.29
CA LEU A 44 22.04 1.02 -11.31
C LEU A 44 23.34 1.84 -11.16
N GLN A 45 23.42 3.01 -11.77
CA GLN A 45 24.64 3.85 -11.63
C GLN A 45 24.76 4.32 -10.17
N LEU A 46 23.67 4.67 -9.52
CA LEU A 46 23.70 5.04 -8.08
C LEU A 46 24.11 3.82 -7.25
N ALA A 47 23.52 2.66 -7.51
CA ALA A 47 23.81 1.45 -6.72
C ALA A 47 25.31 1.14 -6.82
N ASP A 48 25.87 1.24 -8.01
CA ASP A 48 27.30 0.89 -8.21
C ASP A 48 28.18 1.91 -7.48
N ALA A 49 27.96 3.20 -7.70
CA ALA A 49 28.85 4.25 -7.15
C ALA A 49 28.71 4.36 -5.65
N LEU A 50 27.48 4.21 -5.12
CA LEU A 50 27.22 4.44 -3.68
C LEU A 50 27.24 3.11 -2.91
N GLY A 51 27.29 1.98 -3.62
CA GLY A 51 27.28 0.65 -2.98
C GLY A 51 28.24 0.56 -1.81
N PRO A 52 29.52 0.98 -1.96
CA PRO A 52 30.47 0.88 -0.86
C PRO A 52 30.11 1.71 0.39
N SER A 53 29.27 2.74 0.22
CA SER A 53 28.89 3.70 1.29
C SER A 53 27.63 3.29 2.04
N ILE A 54 26.90 2.27 1.57
CA ILE A 54 25.54 1.98 2.09
C ILE A 54 25.45 0.57 2.64
N CYS A 55 24.57 0.38 3.62
CA CYS A 55 24.26 -0.98 4.12
C CYS A 55 23.05 -1.54 3.35
N MET A 56 22.32 -0.69 2.63
CA MET A 56 20.99 -1.07 2.10
C MET A 56 20.62 -0.06 1.01
N LEU A 57 19.93 -0.58 0.00
CA LEU A 57 19.36 0.25 -1.06
C LEU A 57 17.86 -0.01 -1.04
N LYS A 58 17.09 1.05 -0.81
CA LYS A 58 15.63 0.97 -0.74
C LYS A 58 15.05 1.37 -2.09
N THR A 59 14.16 0.54 -2.60
CA THR A 59 13.50 0.75 -3.90
C THR A 59 12.01 1.07 -3.72
N HIS A 60 11.49 1.78 -4.70
CA HIS A 60 10.04 1.76 -5.05
C HIS A 60 9.97 1.29 -6.50
N VAL A 61 9.85 -0.03 -6.67
N VAL A 61 9.92 -0.01 -6.78
CA VAL A 61 9.91 -0.69 -8.00
CA VAL A 61 10.03 -0.40 -8.21
C VAL A 61 8.76 -0.12 -8.87
C VAL A 61 8.76 0.00 -8.96
N ASP A 62 7.65 0.28 -8.26
CA ASP A 62 6.44 0.74 -8.97
C ASP A 62 6.56 2.17 -9.49
N ILE A 63 7.68 2.87 -9.23
N ILE A 63 7.75 2.77 -9.38
CA ILE A 63 7.91 4.19 -9.87
CA ILE A 63 8.04 4.12 -9.93
C ILE A 63 8.96 4.09 -10.97
C ILE A 63 9.02 3.99 -11.10
N LEU A 64 9.53 2.90 -11.19
N LEU A 64 9.66 2.83 -11.28
CA LEU A 64 10.51 2.72 -12.29
CA LEU A 64 10.68 2.63 -12.33
C LEU A 64 9.75 2.67 -13.60
C LEU A 64 9.99 2.51 -13.69
N ASN A 65 10.11 3.54 -14.53
CA ASN A 65 9.41 3.60 -15.83
C ASN A 65 9.79 2.39 -16.69
N ASP A 66 10.99 1.87 -16.52
CA ASP A 66 11.57 0.82 -17.38
C ASP A 66 11.95 -0.39 -16.52
N PHE A 67 11.16 -0.67 -15.49
CA PHE A 67 11.31 -1.93 -14.72
C PHE A 67 11.31 -3.13 -15.67
N THR A 68 12.26 -4.04 -15.44
CA THR A 68 12.18 -5.44 -15.87
C THR A 68 12.82 -6.30 -14.78
N LEU A 69 12.56 -7.59 -14.79
CA LEU A 69 13.24 -8.48 -13.82
C LEU A 69 14.75 -8.48 -14.10
N ASP A 70 15.18 -8.24 -15.33
N ASP A 70 15.16 -8.26 -15.35
CA ASP A 70 16.63 -8.19 -15.66
CA ASP A 70 16.61 -8.16 -15.68
C ASP A 70 17.27 -6.96 -15.00
C ASP A 70 17.23 -6.99 -14.90
N VAL A 71 16.54 -5.86 -14.81
CA VAL A 71 17.10 -4.71 -14.02
C VAL A 71 17.38 -5.19 -12.60
N MET A 72 16.46 -5.97 -12.03
CA MET A 72 16.61 -6.42 -10.63
C MET A 72 17.77 -7.44 -10.53
N LYS A 73 17.99 -8.23 -11.57
CA LYS A 73 19.17 -9.14 -11.61
C LYS A 73 20.45 -8.30 -11.55
N GLU A 74 20.50 -7.22 -12.31
CA GLU A 74 21.69 -6.34 -12.35
C GLU A 74 21.85 -5.67 -10.99
N LEU A 75 20.77 -5.28 -10.33
CA LEU A 75 20.84 -4.67 -8.98
C LEU A 75 21.38 -5.70 -7.98
N ILE A 76 20.94 -6.94 -8.09
CA ILE A 76 21.44 -8.02 -7.18
C ILE A 76 22.95 -8.20 -7.38
N THR A 77 23.42 -8.17 -8.62
CA THR A 77 24.87 -8.29 -8.91
C THR A 77 25.61 -7.21 -8.11
N LEU A 78 25.11 -5.98 -8.14
CA LEU A 78 25.76 -4.86 -7.44
C LEU A 78 25.64 -5.02 -5.92
N ALA A 79 24.49 -5.48 -5.43
CA ALA A 79 24.27 -5.70 -3.98
C ALA A 79 25.27 -6.76 -3.47
N LYS A 80 25.50 -7.81 -4.26
CA LYS A 80 26.45 -8.88 -3.88
C LYS A 80 27.88 -8.34 -3.91
N CSS A 81 28.19 -7.59 -4.97
CA CSS A 81 29.54 -7.05 -5.15
CB CSS A 81 29.66 -6.36 -6.49
SG CSS A 81 31.20 -5.45 -6.75
SD CSS A 81 32.51 -6.94 -7.20
C CSS A 81 29.90 -6.13 -3.99
O CSS A 81 30.95 -6.26 -3.37
N HIS A 82 29.06 -5.14 -3.75
CA HIS A 82 29.37 -4.08 -2.80
C HIS A 82 28.91 -4.41 -1.38
N GLU A 83 28.09 -5.45 -1.23
CA GLU A 83 27.57 -5.94 0.08
C GLU A 83 26.57 -4.94 0.65
N PHE A 84 25.36 -4.97 0.12
CA PHE A 84 24.22 -4.23 0.73
C PHE A 84 22.96 -5.05 0.49
N LEU A 85 21.96 -4.84 1.34
N LEU A 85 21.95 -4.85 1.33
CA LEU A 85 20.62 -5.47 1.20
CA LEU A 85 20.65 -5.51 1.13
C LEU A 85 19.77 -4.63 0.25
C LEU A 85 19.76 -4.64 0.26
N ILE A 86 18.82 -5.30 -0.39
CA ILE A 86 17.76 -4.64 -1.20
C ILE A 86 16.47 -4.66 -0.38
N PHE A 87 15.88 -3.50 -0.21
CA PHE A 87 14.65 -3.31 0.58
C PHE A 87 13.61 -2.66 -0.35
N GLU A 88 12.56 -3.38 -0.71
CA GLU A 88 11.44 -2.80 -1.49
C GLU A 88 10.43 -2.23 -0.51
N ASP A 89 10.25 -0.91 -0.59
CA ASP A 89 9.41 -0.12 0.33
C ASP A 89 7.98 -0.13 -0.22
N ARG A 90 7.41 -1.33 -0.29
CA ARG A 90 6.09 -1.56 -0.91
C ARG A 90 4.95 -1.26 0.07
OH ALY A 91 4.76 4.44 5.86
CH ALY A 91 4.99 5.30 5.01
CH3 ALY A 91 4.60 6.74 5.21
NZ ALY A 91 5.56 5.02 3.84
CE ALY A 91 5.96 3.67 3.45
CD ALY A 91 4.76 2.87 2.96
CG ALY A 91 5.14 1.42 2.59
CB ALY A 91 3.89 0.58 2.37
CA ALY A 91 4.20 -0.93 2.37
N ALY A 91 5.21 -1.26 1.37
C ALY A 91 2.92 -1.75 2.14
O ALY A 91 1.81 -1.22 2.02
N PHE A 92 3.09 -3.07 2.12
CA PHE A 92 1.95 -3.96 2.02
C PHE A 92 0.95 -3.59 3.11
N ALA A 93 -0.35 -3.61 2.76
CA ALA A 93 -1.35 -3.00 3.65
C ALA A 93 -2.75 -3.51 3.33
N ASP A 94 -2.84 -4.75 2.88
CA ASP A 94 -4.12 -5.39 2.49
C ASP A 94 -4.32 -6.62 3.36
N ILE A 95 -5.42 -7.32 3.11
CA ILE A 95 -5.69 -8.59 3.81
C ILE A 95 -4.60 -9.60 3.44
N GLY A 96 -4.38 -10.55 4.33
CA GLY A 96 -3.34 -11.57 4.15
C GLY A 96 -3.42 -12.25 2.79
N ASN A 97 -4.61 -12.65 2.38
CA ASN A 97 -4.76 -13.44 1.14
C ASN A 97 -4.29 -12.63 -0.08
N THR A 98 -4.51 -11.32 -0.06
CA THR A 98 -4.11 -10.44 -1.18
C THR A 98 -2.61 -10.16 -1.14
N VAL A 99 -2.07 -9.82 0.03
CA VAL A 99 -0.64 -9.42 0.07
C VAL A 99 0.25 -10.60 -0.33
N LYS A 100 -0.15 -11.83 -0.06
CA LYS A 100 0.72 -12.97 -0.45
C LYS A 100 0.94 -12.95 -1.97
N LYS A 101 -0.09 -12.62 -2.73
N LYS A 101 -0.10 -12.64 -2.75
CA LYS A 101 -0.04 -12.58 -4.21
CA LYS A 101 -0.01 -12.59 -4.23
C LYS A 101 0.75 -11.35 -4.67
C LYS A 101 0.76 -11.34 -4.67
N GLN A 102 0.55 -10.22 -4.00
CA GLN A 102 1.25 -8.96 -4.34
C GLN A 102 2.75 -9.10 -4.09
N TYR A 103 3.14 -9.94 -3.15
CA TYR A 103 4.55 -10.14 -2.74
C TYR A 103 5.22 -11.12 -3.71
N GLU A 104 4.56 -12.23 -4.02
CA GLU A 104 5.19 -13.30 -4.83
C GLU A 104 5.05 -13.05 -6.33
N GLY A 105 3.91 -12.51 -6.75
CA GLY A 105 3.50 -12.61 -8.15
C GLY A 105 3.46 -11.29 -8.88
N GLY A 106 2.54 -11.20 -9.82
CA GLY A 106 2.43 -10.06 -10.73
C GLY A 106 3.69 -9.89 -11.55
N ILE A 107 3.84 -8.69 -12.12
N ILE A 107 3.89 -8.70 -12.09
CA ILE A 107 5.01 -8.31 -12.97
CA ILE A 107 5.06 -8.46 -12.97
C ILE A 107 6.27 -8.25 -12.10
C ILE A 107 6.30 -8.19 -12.12
N PHE A 108 6.15 -7.73 -10.88
CA PHE A 108 7.36 -7.33 -10.09
C PHE A 108 8.04 -8.54 -9.46
N LYS A 109 7.31 -9.60 -9.11
CA LYS A 109 7.85 -10.76 -8.36
C LYS A 109 8.79 -10.24 -7.25
N ILE A 110 8.27 -9.40 -6.37
CA ILE A 110 9.10 -8.69 -5.36
C ILE A 110 9.90 -9.71 -4.54
N ALA A 111 9.27 -10.78 -4.06
CA ALA A 111 9.94 -11.73 -3.16
C ALA A 111 11.17 -12.37 -3.82
N SER A 112 11.22 -12.44 -5.15
N SER A 112 11.22 -12.42 -5.15
CA SER A 112 12.34 -13.10 -5.87
CA SER A 112 12.30 -13.07 -5.94
C SER A 112 13.64 -12.30 -5.71
C SER A 112 13.62 -12.27 -5.89
N TRP A 113 13.56 -10.98 -5.50
CA TRP A 113 14.79 -10.13 -5.48
C TRP A 113 14.91 -9.28 -4.22
N ALA A 114 13.88 -9.05 -3.42
CA ALA A 114 13.96 -8.15 -2.26
C ALA A 114 14.35 -8.94 -1.01
N ASP A 115 15.49 -8.60 -0.41
CA ASP A 115 15.85 -9.18 0.89
C ASP A 115 14.81 -8.80 1.95
N LEU A 116 14.36 -7.54 1.92
CA LEU A 116 13.44 -6.96 2.90
C LEU A 116 12.26 -6.32 2.16
N VAL A 117 11.10 -6.43 2.75
CA VAL A 117 9.91 -5.60 2.44
C VAL A 117 9.38 -5.03 3.74
N ASN A 118 8.37 -4.20 3.63
CA ASN A 118 7.71 -3.66 4.83
C ASN A 118 6.19 -3.76 4.67
N ALA A 119 5.54 -3.61 5.81
CA ALA A 119 4.06 -3.68 5.89
C ALA A 119 3.54 -2.70 6.92
N HIS A 120 2.38 -2.15 6.63
CA HIS A 120 1.58 -1.44 7.64
C HIS A 120 0.87 -2.46 8.53
N VAL A 121 0.66 -2.08 9.78
CA VAL A 121 0.04 -3.01 10.76
C VAL A 121 -1.47 -2.77 10.84
N VAL A 122 -1.97 -1.72 10.22
CA VAL A 122 -3.40 -1.34 10.36
C VAL A 122 -4.36 -2.47 9.99
N PRO A 123 -4.09 -3.39 9.02
CA PRO A 123 -5.06 -4.45 8.73
C PRO A 123 -5.14 -5.57 9.78
N GLY A 124 -4.24 -5.54 10.77
CA GLY A 124 -4.09 -6.62 11.73
C GLY A 124 -3.06 -7.63 11.25
N SER A 125 -2.81 -8.64 12.09
CA SER A 125 -1.63 -9.53 11.91
C SER A 125 -1.78 -10.42 10.68
N GLY A 126 -2.97 -10.56 10.08
CA GLY A 126 -3.09 -11.30 8.82
C GLY A 126 -2.18 -10.76 7.72
N VAL A 127 -1.86 -9.47 7.72
CA VAL A 127 -0.94 -8.91 6.70
C VAL A 127 0.43 -9.60 6.83
N VAL A 128 0.88 -9.79 8.06
CA VAL A 128 2.19 -10.46 8.31
C VAL A 128 2.09 -11.94 7.98
N LYS A 129 1.01 -12.58 8.41
N LYS A 129 1.01 -12.58 8.40
CA LYS A 129 0.82 -14.03 8.15
CA LYS A 129 0.84 -14.03 8.16
C LYS A 129 0.82 -14.29 6.64
C LYS A 129 0.78 -14.33 6.65
N GLY A 130 0.12 -13.47 5.87
CA GLY A 130 0.09 -13.64 4.41
C GLY A 130 1.48 -13.48 3.82
N LEU A 131 2.17 -12.41 4.18
CA LEU A 131 3.53 -12.19 3.62
C LEU A 131 4.44 -13.35 4.01
N GLN A 132 4.40 -13.77 5.27
N GLN A 132 4.30 -13.86 5.23
CA GLN A 132 5.39 -14.74 5.82
CA GLN A 132 5.14 -14.97 5.75
C GLN A 132 5.27 -16.09 5.11
C GLN A 132 4.94 -16.23 4.90
N GLU A 133 4.09 -16.40 4.54
N GLU A 133 3.72 -16.52 4.44
CA GLU A 133 3.83 -17.69 3.81
CA GLU A 133 3.51 -17.70 3.57
C GLU A 133 4.57 -17.73 2.47
C GLU A 133 4.61 -17.73 2.51
N VAL A 134 4.92 -16.57 1.93
CA VAL A 134 5.83 -16.45 0.77
C VAL A 134 7.26 -16.22 1.28
N GLY A 135 7.41 -15.32 2.25
CA GLY A 135 8.74 -14.84 2.64
C GLY A 135 9.57 -15.85 3.43
N LEU A 136 8.93 -16.63 4.30
N LEU A 136 8.94 -16.66 4.28
CA LEU A 136 9.68 -17.63 5.12
CA LEU A 136 9.70 -17.60 5.13
C LEU A 136 10.36 -18.64 4.20
C LEU A 136 10.35 -18.68 4.25
N PRO A 137 9.65 -19.32 3.27
CA PRO A 137 10.31 -20.27 2.38
C PRO A 137 11.41 -19.64 1.53
N LEU A 138 11.28 -18.35 1.22
CA LEU A 138 12.28 -17.63 0.41
C LEU A 138 13.32 -16.94 1.30
N HIS A 139 13.35 -17.24 2.60
N HIS A 139 13.32 -17.20 2.59
CA HIS A 139 14.39 -16.79 3.57
CA HIS A 139 14.44 -16.77 3.46
C HIS A 139 14.46 -15.26 3.64
C HIS A 139 14.49 -15.24 3.50
N ARG A 140 13.33 -14.60 3.48
CA ARG A 140 13.26 -13.12 3.46
C ARG A 140 12.92 -12.57 4.84
N GLY A 141 13.04 -11.25 4.98
CA GLY A 141 12.64 -10.55 6.20
C GLY A 141 11.66 -9.43 5.89
N CYS A 142 10.99 -8.98 6.95
CA CYS A 142 9.96 -7.93 6.87
C CYS A 142 10.17 -6.89 7.96
N LEU A 143 9.88 -5.64 7.63
CA LEU A 143 9.87 -4.54 8.61
C LEU A 143 8.42 -4.08 8.80
N LEU A 144 8.02 -3.80 10.04
CA LEU A 144 6.68 -3.25 10.31
C LEU A 144 6.77 -1.75 10.53
N ILE A 145 5.80 -1.02 9.98
CA ILE A 145 5.82 0.44 10.04
C ILE A 145 5.15 0.86 11.36
N ALA A 146 5.97 1.19 12.34
CA ALA A 146 5.52 1.52 13.71
C ALA A 146 5.29 3.02 13.84
N GLU A 147 6.08 3.84 13.16
CA GLU A 147 5.94 5.32 13.17
C GLU A 147 6.27 5.79 11.76
N MET A 148 5.74 6.95 11.40
N MET A 148 5.67 6.90 11.35
CA MET A 148 5.86 7.51 10.04
CA MET A 148 5.94 7.49 10.01
C MET A 148 6.34 8.97 10.12
C MET A 148 6.45 8.91 10.18
N SER A 149 7.13 9.39 9.14
CA SER A 149 7.80 10.71 9.18
C SER A 149 6.88 11.86 8.79
N SER A 150 5.68 11.58 8.28
CA SER A 150 4.83 12.56 7.59
C SER A 150 3.90 13.27 8.58
N THR A 151 3.58 14.51 8.26
CA THR A 151 2.69 15.34 9.09
C THR A 151 1.29 14.73 9.16
N GLY A 152 0.79 14.59 10.38
CA GLY A 152 -0.55 14.03 10.60
C GLY A 152 -0.54 12.52 10.72
N SER A 153 0.62 11.89 10.72
CA SER A 153 0.74 10.43 10.94
C SER A 153 -0.13 10.00 12.12
N LEU A 154 -0.90 8.92 11.95
CA LEU A 154 -1.73 8.33 13.03
C LEU A 154 -0.98 7.16 13.67
N ALA A 155 0.28 6.92 13.30
CA ALA A 155 1.08 5.82 13.84
C ALA A 155 1.78 6.32 15.12
N THR A 156 0.97 6.48 16.17
CA THR A 156 1.41 6.99 17.48
C THR A 156 0.72 6.19 18.58
N GLY A 157 1.22 6.31 19.80
CA GLY A 157 0.60 5.75 21.02
C GLY A 157 0.31 4.27 20.85
N ASP A 158 -0.95 3.88 21.02
CA ASP A 158 -1.38 2.45 21.00
C ASP A 158 -1.05 1.81 19.65
N TYR A 159 -1.09 2.57 18.55
CA TYR A 159 -0.78 2.04 17.20
C TYR A 159 0.66 1.54 17.16
N THR A 160 1.59 2.36 17.62
CA THR A 160 3.03 2.02 17.67
C THR A 160 3.21 0.78 18.55
N ARG A 161 2.55 0.75 19.71
CA ARG A 161 2.64 -0.42 20.64
C ARG A 161 2.12 -1.68 19.94
N ALA A 162 1.04 -1.57 19.17
CA ALA A 162 0.51 -2.73 18.42
C ALA A 162 1.53 -3.21 17.39
N ALA A 163 2.24 -2.31 16.72
CA ALA A 163 3.24 -2.70 15.70
C ALA A 163 4.37 -3.48 16.40
N VAL A 164 4.80 -3.00 17.55
CA VAL A 164 5.89 -3.66 18.30
C VAL A 164 5.44 -5.06 18.73
N ARG A 165 4.23 -5.20 19.27
CA ARG A 165 3.71 -6.52 19.69
C ARG A 165 3.66 -7.45 18.47
N MET A 166 3.13 -6.97 17.35
CA MET A 166 2.98 -7.80 16.14
C MET A 166 4.36 -8.28 15.66
N ALA A 167 5.38 -7.42 15.75
CA ALA A 167 6.76 -7.79 15.34
C ALA A 167 7.29 -8.86 16.28
N GLU A 168 7.12 -8.65 17.58
N GLU A 168 7.23 -8.61 17.60
CA GLU A 168 7.78 -9.48 18.61
CA GLU A 168 7.69 -9.55 18.67
C GLU A 168 7.09 -10.86 18.60
C GLU A 168 7.15 -10.93 18.35
N GLU A 169 5.85 -10.97 18.08
CA GLU A 169 5.06 -12.23 17.97
C GLU A 169 5.29 -12.92 16.62
N HIS A 170 6.00 -12.29 15.67
CA HIS A 170 6.28 -12.85 14.32
C HIS A 170 7.78 -12.73 14.02
N SER A 171 8.60 -13.03 15.02
CA SER A 171 10.07 -12.81 14.94
C SER A 171 10.74 -13.78 13.97
N GLU A 172 10.07 -14.84 13.51
CA GLU A 172 10.62 -15.73 12.47
C GLU A 172 10.75 -15.01 11.13
N PHE A 173 10.01 -13.92 10.95
CA PHE A 173 9.94 -13.21 9.66
C PHE A 173 10.16 -11.70 9.83
N VAL A 174 9.62 -11.11 10.89
CA VAL A 174 9.76 -9.65 11.14
C VAL A 174 11.10 -9.39 11.81
N VAL A 175 11.93 -8.55 11.20
CA VAL A 175 13.31 -8.31 11.66
C VAL A 175 13.45 -6.89 12.22
N GLY A 176 12.39 -6.08 12.19
CA GLY A 176 12.51 -4.72 12.71
C GLY A 176 11.41 -3.84 12.19
N PHE A 177 11.70 -2.55 12.22
CA PHE A 177 10.71 -1.48 12.10
C PHE A 177 11.19 -0.40 11.16
N ILE A 178 10.20 0.22 10.51
CA ILE A 178 10.28 1.64 10.10
C ILE A 178 9.75 2.42 11.28
N SER A 179 10.56 3.34 11.78
CA SER A 179 10.18 4.11 12.98
C SER A 179 11.00 5.41 13.01
N GLY A 180 10.61 6.33 13.86
CA GLY A 180 11.37 7.58 14.02
C GLY A 180 12.37 7.49 15.15
N SER A 181 12.39 6.37 15.85
N SER A 181 12.22 6.49 16.02
CA SER A 181 13.06 6.20 17.15
CA SER A 181 12.99 6.28 17.28
C SER A 181 13.19 4.71 17.45
C SER A 181 13.04 4.79 17.58
N ARG A 182 13.93 4.38 18.49
CA ARG A 182 13.89 3.03 19.09
C ARG A 182 12.47 2.84 19.64
N VAL A 183 11.76 1.82 19.19
CA VAL A 183 10.39 1.50 19.70
C VAL A 183 10.38 0.13 20.40
N SER A 184 11.31 -0.76 20.09
CA SER A 184 11.45 -2.08 20.75
C SER A 184 12.70 -2.02 21.63
N MET A 185 12.60 -2.59 22.83
CA MET A 185 13.73 -2.75 23.76
C MET A 185 14.52 -4.02 23.44
N LYS A 186 14.11 -4.80 22.45
CA LYS A 186 14.78 -6.09 22.11
C LYS A 186 15.83 -5.82 21.04
N PRO A 187 17.13 -6.06 21.31
CA PRO A 187 18.20 -5.63 20.40
C PRO A 187 18.29 -6.43 19.09
N GLU A 188 17.54 -7.53 19.01
N GLU A 188 17.54 -7.52 18.97
CA GLU A 188 17.42 -8.38 17.80
CA GLU A 188 17.54 -8.33 17.71
C GLU A 188 16.74 -7.60 16.66
C GLU A 188 16.65 -7.67 16.66
N PHE A 189 15.93 -6.60 17.00
CA PHE A 189 15.12 -5.84 16.01
C PHE A 189 15.92 -4.63 15.51
N LEU A 190 15.84 -4.41 14.21
N LEU A 190 15.93 -4.44 14.20
CA LEU A 190 16.41 -3.23 13.52
CA LEU A 190 16.50 -3.21 13.58
C LEU A 190 15.43 -2.07 13.55
C LEU A 190 15.45 -2.09 13.69
N HIS A 191 15.94 -0.85 13.76
CA HIS A 191 15.16 0.39 13.61
C HIS A 191 15.70 1.15 12.41
N LEU A 192 14.87 1.37 11.39
CA LEU A 192 15.23 2.17 10.20
C LEU A 192 14.36 3.42 10.17
N THR A 193 15.02 4.57 10.00
CA THR A 193 14.34 5.88 10.12
C THR A 193 14.49 6.68 8.83
N PRO A 194 13.36 6.89 8.12
CA PRO A 194 13.29 7.85 7.03
C PRO A 194 12.91 9.24 7.55
N GLY A 195 12.78 10.21 6.65
CA GLY A 195 12.61 11.61 7.06
C GLY A 195 13.90 12.19 7.61
N VAL A 196 15.00 11.99 6.89
CA VAL A 196 16.34 12.41 7.37
C VAL A 196 17.00 13.32 6.34
N GLN A 197 17.48 14.47 6.82
CA GLN A 197 18.35 15.38 6.06
C GLN A 197 19.28 16.07 7.07
N LEU A 198 20.39 16.58 6.59
CA LEU A 198 21.32 17.31 7.48
C LEU A 198 20.70 18.66 7.90
N GLU A 199 20.00 19.32 6.98
CA GLU A 199 19.39 20.63 7.25
C GLU A 199 17.95 20.48 7.72
N ALA A 200 17.48 21.41 8.54
CA ALA A 200 16.06 21.50 8.95
C ALA A 200 15.21 21.74 7.71
N GLY A 201 14.00 21.18 7.73
CA GLY A 201 12.99 21.48 6.71
C GLY A 201 12.09 20.30 6.44
N GLY A 202 11.50 20.31 5.27
CA GLY A 202 10.43 19.36 4.90
C GLY A 202 10.21 19.43 3.42
N ASP A 203 9.14 18.84 2.93
CA ASP A 203 8.70 19.07 1.53
C ASP A 203 7.31 19.69 1.59
N ASN A 204 6.71 19.85 0.42
N ASN A 204 6.69 19.94 0.45
CA ASN A 204 5.42 20.54 0.25
CA ASN A 204 5.35 20.59 0.40
C ASN A 204 4.23 19.58 0.44
C ASN A 204 4.25 19.54 0.26
N LEU A 205 4.51 18.30 0.71
CA LEU A 205 3.48 17.24 0.79
C LEU A 205 3.66 16.46 2.09
N GLY A 206 3.97 17.14 3.18
CA GLY A 206 3.90 16.57 4.55
C GLY A 206 5.15 15.85 5.00
N GLN A 207 6.22 15.76 4.19
CA GLN A 207 7.47 15.15 4.70
C GLN A 207 8.11 16.11 5.71
N GLN A 208 8.61 15.56 6.80
CA GLN A 208 9.33 16.29 7.86
C GLN A 208 10.71 15.68 8.04
N TYR A 209 11.75 16.51 8.16
CA TYR A 209 13.13 16.02 8.29
C TYR A 209 13.66 16.24 9.70
N ASN A 210 14.46 15.27 10.12
CA ASN A 210 15.33 15.34 11.32
C ASN A 210 16.72 14.89 10.91
N SER A 211 17.73 15.29 11.70
CA SER A 211 19.12 15.03 11.31
C SER A 211 19.55 13.62 11.73
N PRO A 212 20.62 13.09 11.10
CA PRO A 212 21.17 11.82 11.55
C PRO A 212 21.53 11.82 13.05
N GLN A 213 22.13 12.90 13.53
CA GLN A 213 22.49 12.97 14.96
C GLN A 213 21.23 12.85 15.82
N GLU A 214 20.14 13.51 15.43
CA GLU A 214 18.88 13.46 16.22
C GLU A 214 18.35 12.01 16.20
N VAL A 215 18.24 11.40 15.02
CA VAL A 215 17.48 10.12 14.95
C VAL A 215 18.33 8.95 15.44
N ILE A 216 19.62 8.93 15.15
CA ILE A 216 20.52 7.82 15.59
C ILE A 216 20.97 8.09 17.03
N GLY A 217 21.44 9.30 17.30
CA GLY A 217 22.06 9.61 18.60
C GLY A 217 21.03 9.83 19.69
N LYS A 218 20.08 10.75 19.51
CA LYS A 218 19.12 11.11 20.57
C LYS A 218 17.96 10.10 20.60
N ARG A 219 17.45 9.68 19.44
CA ARG A 219 16.22 8.86 19.36
C ARG A 219 16.55 7.36 19.32
N GLY A 220 17.82 6.98 19.14
CA GLY A 220 18.29 5.60 19.35
C GLY A 220 17.97 4.67 18.19
N SER A 221 17.72 5.19 17.00
N SER A 221 17.70 5.20 16.99
CA SER A 221 17.47 4.34 15.82
CA SER A 221 17.48 4.40 15.77
C SER A 221 18.79 3.77 15.30
C SER A 221 18.80 3.76 15.33
N ASP A 222 18.74 2.80 14.41
CA ASP A 222 19.96 2.10 13.91
C ASP A 222 20.43 2.62 12.56
N ILE A 223 19.50 2.87 11.65
CA ILE A 223 19.80 3.11 10.21
C ILE A 223 19.03 4.35 9.78
N ILE A 224 19.68 5.23 9.03
CA ILE A 224 18.97 6.35 8.38
C ILE A 224 18.64 5.97 6.94
N ILE A 225 17.43 6.35 6.53
CA ILE A 225 16.98 6.20 5.13
C ILE A 225 16.95 7.60 4.53
N VAL A 226 17.72 7.81 3.47
CA VAL A 226 17.88 9.17 2.89
C VAL A 226 17.64 9.09 1.40
N GLY A 227 16.66 9.88 0.91
CA GLY A 227 16.36 10.00 -0.52
C GLY A 227 16.92 11.31 -1.05
N ARG A 228 16.09 12.32 -1.14
CA ARG A 228 16.41 13.61 -1.81
C ARG A 228 17.67 14.26 -1.25
N GLY A 229 17.96 14.11 0.05
CA GLY A 229 19.20 14.69 0.61
C GLY A 229 20.43 14.22 -0.15
N ILE A 230 20.39 13.00 -0.68
CA ILE A 230 21.43 12.46 -1.57
C ILE A 230 21.06 12.66 -3.04
N ILE A 231 19.86 12.19 -3.43
N ILE A 231 19.91 12.17 -3.50
CA ILE A 231 19.49 12.01 -4.85
CA ILE A 231 19.70 12.03 -4.98
C ILE A 231 19.49 13.37 -5.60
C ILE A 231 19.50 13.40 -5.65
N SER A 232 19.07 14.44 -4.93
CA SER A 232 18.96 15.79 -5.54
C SER A 232 20.28 16.54 -5.50
N ALA A 233 21.27 16.04 -4.74
CA ALA A 233 22.60 16.69 -4.67
C ALA A 233 23.31 16.50 -6.00
N ALA A 234 24.25 17.39 -6.33
CA ALA A 234 25.02 17.23 -7.58
C ALA A 234 25.92 16.00 -7.44
N ASP A 235 26.76 15.97 -6.43
CA ASP A 235 27.69 14.84 -6.18
C ASP A 235 27.04 13.88 -5.18
N ARG A 236 26.36 12.87 -5.70
CA ARG A 236 25.59 11.93 -4.86
C ARG A 236 26.56 11.04 -4.06
N LEU A 237 27.78 10.81 -4.53
CA LEU A 237 28.76 10.00 -3.77
C LEU A 237 29.21 10.78 -2.52
N GLU A 238 29.61 12.03 -2.69
CA GLU A 238 30.01 12.85 -1.52
C GLU A 238 28.82 13.02 -0.58
N ALA A 239 27.62 13.23 -1.11
CA ALA A 239 26.43 13.37 -0.23
C ALA A 239 26.26 12.07 0.58
N ALA A 240 26.35 10.91 -0.06
CA ALA A 240 26.20 9.62 0.64
C ALA A 240 27.27 9.51 1.73
N GLU A 241 28.50 9.92 1.43
CA GLU A 241 29.59 9.85 2.44
C GLU A 241 29.28 10.77 3.63
N MET A 242 28.75 11.96 3.38
N MET A 242 28.76 11.98 3.38
CA MET A 242 28.40 12.88 4.49
CA MET A 242 28.38 12.91 4.47
C MET A 242 27.33 12.25 5.37
C MET A 242 27.34 12.21 5.37
N TYR A 243 26.30 11.64 4.77
CA TYR A 243 25.23 10.98 5.55
C TYR A 243 25.77 9.74 6.29
N ARG A 244 26.63 8.97 5.63
CA ARG A 244 27.23 7.77 6.25
C ARG A 244 28.03 8.19 7.48
N LYS A 245 28.90 9.17 7.32
CA LYS A 245 29.77 9.59 8.45
C LYS A 245 28.93 10.13 9.58
N ALA A 246 27.87 10.89 9.27
CA ALA A 246 26.99 11.46 10.30
C ALA A 246 26.33 10.31 11.07
N ALA A 247 25.71 9.37 10.36
CA ALA A 247 24.97 8.28 11.03
C ALA A 247 25.93 7.38 11.81
N TRP A 248 27.11 7.15 11.26
CA TRP A 248 28.06 6.20 11.89
C TRP A 248 28.59 6.82 13.18
N GLU A 249 28.98 8.09 13.17
CA GLU A 249 29.51 8.74 14.39
C GLU A 249 28.41 8.85 15.45
N ALA A 250 27.17 9.12 15.05
CA ALA A 250 26.05 9.20 16.02
C ALA A 250 25.89 7.84 16.69
N TYR A 251 26.00 6.76 15.93
CA TYR A 251 25.93 5.39 16.47
C TYR A 251 27.08 5.14 17.45
N LEU A 252 28.31 5.49 17.07
CA LEU A 252 29.50 5.22 17.92
C LEU A 252 29.35 5.96 19.24
N SER A 253 28.85 7.20 19.20
N SER A 253 28.89 7.22 19.16
CA SER A 253 28.83 8.08 20.40
CA SER A 253 28.69 8.15 20.30
C SER A 253 27.77 7.59 21.40
C SER A 253 27.85 7.45 21.36
N ARG A 254 26.72 6.89 20.92
CA ARG A 254 25.71 6.28 21.81
C ARG A 254 26.30 5.02 22.47
N LEU A 255 27.19 4.30 21.78
CA LEU A 255 27.84 3.06 22.31
C LEU A 255 28.75 3.39 23.49
N GLY A 256 29.54 4.46 23.38
CA GLY A 256 30.60 4.82 24.34
C GLY A 256 31.73 3.81 24.30
N GLU B 1 -33.52 9.96 3.64
CA GLU B 1 -32.63 9.11 2.80
C GLU B 1 -33.03 9.20 1.32
N LEU B 2 -32.06 9.43 0.44
CA LEU B 2 -32.26 9.61 -1.01
C LEU B 2 -31.85 8.34 -1.76
N SER B 3 -32.51 8.09 -2.87
CA SER B 3 -32.12 7.06 -3.86
C SER B 3 -30.73 7.36 -4.42
N PHE B 4 -30.11 6.35 -4.98
CA PHE B 4 -28.84 6.55 -5.71
C PHE B 4 -29.02 7.61 -6.79
N GLY B 5 -30.13 7.57 -7.52
CA GLY B 5 -30.35 8.52 -8.63
C GLY B 5 -30.44 9.95 -8.13
N ALA B 6 -31.08 10.17 -6.97
CA ALA B 6 -31.17 11.52 -6.37
C ALA B 6 -29.80 11.92 -5.82
N ARG B 7 -29.08 11.00 -5.20
CA ARG B 7 -27.74 11.35 -4.66
C ARG B 7 -26.84 11.79 -5.81
N ALA B 8 -27.00 11.24 -7.00
CA ALA B 8 -26.20 11.59 -8.19
C ALA B 8 -26.35 13.07 -8.52
N GLU B 9 -27.42 13.72 -8.08
CA GLU B 9 -27.69 15.14 -8.41
C GLU B 9 -27.33 16.07 -7.24
N LEU B 10 -26.83 15.58 -6.12
CA LEU B 10 -26.59 16.46 -4.95
C LEU B 10 -25.63 17.58 -5.33
N PRO B 11 -25.83 18.80 -4.79
CA PRO B 11 -24.99 19.93 -5.15
C PRO B 11 -23.48 19.70 -5.03
N ARG B 12 -23.06 18.99 -3.99
CA ARG B 12 -21.63 18.79 -3.67
C ARG B 12 -21.13 17.47 -4.25
N ILE B 13 -21.91 16.79 -5.09
CA ILE B 13 -21.50 15.46 -5.63
C ILE B 13 -20.25 15.64 -6.51
N HIS B 14 -19.33 14.71 -6.41
CA HIS B 14 -18.18 14.64 -7.32
C HIS B 14 -18.63 14.04 -8.64
N PRO B 15 -18.12 14.49 -9.81
CA PRO B 15 -18.54 13.91 -11.08
C PRO B 15 -18.37 12.39 -11.20
N VAL B 16 -17.32 11.83 -10.60
CA VAL B 16 -17.11 10.37 -10.67
C VAL B 16 -18.19 9.67 -9.84
N ALA B 17 -18.48 10.19 -8.65
CA ALA B 17 -19.56 9.65 -7.80
C ALA B 17 -20.90 9.74 -8.55
N SER B 18 -21.16 10.88 -9.20
N SER B 18 -21.18 10.86 -9.22
CA SER B 18 -22.42 11.09 -9.93
CA SER B 18 -22.49 11.05 -9.91
C SER B 18 -22.57 10.02 -11.03
C SER B 18 -22.61 10.06 -11.08
N LYS B 19 -21.53 9.82 -11.82
CA LYS B 19 -21.53 8.85 -12.94
C LYS B 19 -21.85 7.46 -12.36
N LEU B 20 -21.19 7.11 -11.27
CA LEU B 20 -21.40 5.79 -10.63
C LEU B 20 -22.84 5.68 -10.14
N LEU B 21 -23.32 6.67 -9.39
CA LEU B 21 -24.68 6.59 -8.80
C LEU B 21 -25.74 6.49 -9.91
N ARG B 22 -25.55 7.20 -11.01
N ARG B 22 -25.56 7.21 -11.00
CA ARG B 22 -26.50 7.14 -12.15
CA ARG B 22 -26.52 7.13 -12.13
C ARG B 22 -26.54 5.73 -12.76
C ARG B 22 -26.55 5.69 -12.67
N LEU B 23 -25.39 5.08 -12.95
CA LEU B 23 -25.39 3.74 -13.58
C LEU B 23 -25.84 2.70 -12.55
N MET B 24 -25.64 2.94 -11.25
CA MET B 24 -26.20 2.03 -10.21
C MET B 24 -27.72 2.00 -10.33
N GLN B 25 -28.31 3.18 -10.41
N GLN B 25 -28.34 3.17 -10.39
CA GLN B 25 -29.78 3.35 -10.48
CA GLN B 25 -29.81 3.26 -10.48
C GLN B 25 -30.30 2.76 -11.80
C GLN B 25 -30.27 2.65 -11.81
N LYS B 26 -29.64 3.05 -12.92
CA LYS B 26 -30.08 2.61 -14.27
C LYS B 26 -30.07 1.07 -14.33
N LYS B 27 -29.02 0.45 -13.81
CA LYS B 27 -28.80 -1.00 -13.98
C LYS B 27 -29.32 -1.81 -12.80
N GLU B 28 -29.79 -1.17 -11.73
CA GLU B 28 -30.21 -1.81 -10.47
C GLU B 28 -29.07 -2.70 -9.97
N THR B 29 -27.90 -2.11 -9.84
CA THR B 29 -26.76 -2.85 -9.24
C THR B 29 -25.94 -1.94 -8.33
N ASN B 30 -25.68 -2.47 -7.14
CA ASN B 30 -24.73 -1.89 -6.17
C ASN B 30 -23.68 -2.96 -5.82
N LEU B 31 -23.34 -3.76 -6.82
CA LEU B 31 -22.31 -4.81 -6.70
C LEU B 31 -21.02 -4.34 -7.37
N CYS B 32 -19.91 -4.42 -6.64
CA CYS B 32 -18.54 -4.27 -7.17
C CYS B 32 -17.88 -5.65 -7.21
N LEU B 33 -17.54 -6.10 -8.41
CA LEU B 33 -16.79 -7.38 -8.54
C LEU B 33 -15.35 -7.13 -8.13
N SER B 34 -14.81 -7.93 -7.20
CA SER B 34 -13.38 -7.95 -6.88
C SER B 34 -12.72 -8.98 -7.79
N ALA B 35 -12.15 -8.55 -8.92
CA ALA B 35 -11.66 -9.41 -10.00
C ALA B 35 -10.26 -9.92 -9.62
N ASP B 36 -10.21 -10.78 -8.61
CA ASP B 36 -8.93 -11.23 -7.99
C ASP B 36 -8.42 -12.45 -8.74
N VAL B 37 -7.90 -12.20 -9.93
CA VAL B 37 -7.38 -13.22 -10.86
C VAL B 37 -5.98 -12.81 -11.30
N SER B 38 -5.20 -13.77 -11.78
CA SER B 38 -3.81 -13.55 -12.20
C SER B 38 -3.66 -13.48 -13.72
N LEU B 39 -4.70 -13.87 -14.47
N LEU B 39 -4.72 -13.79 -14.47
CA LEU B 39 -4.67 -13.93 -15.96
CA LEU B 39 -4.69 -13.98 -15.93
C LEU B 39 -5.51 -12.80 -16.55
C LEU B 39 -5.53 -12.90 -16.63
N ALA B 40 -4.92 -12.06 -17.48
CA ALA B 40 -5.64 -11.02 -18.22
C ALA B 40 -6.86 -11.61 -18.93
N ARG B 41 -6.74 -12.79 -19.53
CA ARG B 41 -7.88 -13.36 -20.29
C ARG B 41 -9.04 -13.61 -19.33
N GLU B 42 -8.77 -14.11 -18.13
CA GLU B 42 -9.86 -14.37 -17.18
C GLU B 42 -10.45 -13.03 -16.68
N LEU B 43 -9.61 -12.03 -16.42
CA LEU B 43 -10.10 -10.70 -16.02
C LEU B 43 -11.07 -10.17 -17.09
N LEU B 44 -10.66 -10.23 -18.34
CA LEU B 44 -11.49 -9.63 -19.43
C LEU B 44 -12.75 -10.48 -19.67
N GLN B 45 -12.65 -11.80 -19.59
CA GLN B 45 -13.87 -12.63 -19.77
C GLN B 45 -14.84 -12.39 -18.61
N LEU B 46 -14.37 -12.21 -17.39
CA LEU B 46 -15.27 -11.87 -16.26
C LEU B 46 -15.87 -10.49 -16.47
N ALA B 47 -15.06 -9.51 -16.87
CA ALA B 47 -15.55 -8.14 -17.07
C ALA B 47 -16.66 -8.13 -18.11
N ASP B 48 -16.49 -8.88 -19.19
CA ASP B 48 -17.48 -8.89 -20.30
C ASP B 48 -18.77 -9.56 -19.81
N ALA B 49 -18.66 -10.75 -19.23
CA ALA B 49 -19.85 -11.55 -18.86
C ALA B 49 -20.59 -10.92 -17.68
N LEU B 50 -19.87 -10.37 -16.70
CA LEU B 50 -20.48 -9.84 -15.46
C LEU B 50 -20.72 -8.33 -15.57
N GLY B 51 -20.21 -7.69 -16.61
CA GLY B 51 -20.34 -6.23 -16.77
C GLY B 51 -21.77 -5.75 -16.56
N PRO B 52 -22.79 -6.39 -17.17
CA PRO B 52 -24.17 -5.93 -16.99
C PRO B 52 -24.68 -6.01 -15.55
N SER B 53 -24.07 -6.86 -14.71
CA SER B 53 -24.51 -7.14 -13.32
C SER B 53 -23.84 -6.24 -12.30
N ILE B 54 -22.81 -5.47 -12.69
CA ILE B 54 -21.96 -4.75 -11.70
C ILE B 54 -21.97 -3.24 -11.95
N CYS B 55 -21.76 -2.50 -10.87
CA CYS B 55 -21.56 -1.03 -11.00
C CYS B 55 -20.07 -0.71 -11.12
N MET B 56 -19.20 -1.68 -10.82
CA MET B 56 -17.77 -1.39 -10.60
C MET B 56 -17.02 -2.71 -10.67
N LEU B 57 -15.83 -2.63 -11.21
CA LEU B 57 -14.88 -3.76 -11.24
C LEU B 57 -13.64 -3.28 -10.51
N LYS B 58 -13.29 -3.99 -9.44
CA LYS B 58 -12.13 -3.67 -8.61
C LYS B 58 -10.97 -4.55 -9.03
N THR B 59 -9.83 -3.93 -9.27
CA THR B 59 -8.59 -4.61 -9.70
C THR B 59 -7.53 -4.59 -8.60
N HIS B 60 -6.66 -5.58 -8.67
CA HIS B 60 -5.29 -5.51 -8.10
C HIS B 60 -4.35 -5.75 -9.28
N VAL B 61 -3.97 -4.67 -9.95
N VAL B 61 -3.96 -4.73 -10.04
CA VAL B 61 -3.16 -4.73 -11.19
CA VAL B 61 -3.19 -5.08 -11.27
C VAL B 61 -1.83 -5.44 -10.88
C VAL B 61 -1.80 -5.59 -10.87
N ASP B 62 -1.34 -5.34 -9.66
CA ASP B 62 -0.02 -5.87 -9.25
C ASP B 62 -0.05 -7.39 -9.01
N ILE B 63 -1.18 -8.06 -9.22
N ILE B 63 -1.19 -8.04 -9.22
CA ILE B 63 -1.23 -9.56 -9.16
CA ILE B 63 -1.30 -9.53 -9.13
C ILE B 63 -1.50 -10.12 -10.55
C ILE B 63 -1.43 -10.10 -10.55
N LEU B 64 -1.57 -9.30 -11.59
N LEU B 64 -1.73 -9.28 -11.55
CA LEU B 64 -1.85 -9.75 -12.97
CA LEU B 64 -1.82 -9.80 -12.95
C LEU B 64 -0.55 -10.18 -13.65
C LEU B 64 -0.44 -10.24 -13.40
N ASN B 65 -0.33 -11.49 -13.81
CA ASN B 65 0.94 -12.05 -14.29
C ASN B 65 1.31 -11.45 -15.66
N ASP B 66 0.32 -11.11 -16.46
CA ASP B 66 0.49 -10.67 -17.86
C ASP B 66 -0.13 -9.28 -18.05
N PHE B 67 -0.02 -8.43 -17.03
CA PHE B 67 -0.36 -7.01 -17.17
C PHE B 67 0.36 -6.40 -18.38
N THR B 68 -0.41 -5.64 -19.17
CA THR B 68 0.11 -4.61 -20.09
C THR B 68 -0.89 -3.47 -20.09
N LEU B 69 -0.47 -2.30 -20.57
CA LEU B 69 -1.44 -1.19 -20.68
C LEU B 69 -2.51 -1.54 -21.72
N ASP B 70 -2.20 -2.38 -22.70
N ASP B 70 -2.21 -2.40 -22.69
CA ASP B 70 -3.21 -2.82 -23.69
CA ASP B 70 -3.21 -2.82 -23.71
C ASP B 70 -4.33 -3.59 -22.96
C ASP B 70 -4.29 -3.70 -23.07
N VAL B 71 -4.00 -4.44 -22.00
CA VAL B 71 -5.05 -5.15 -21.22
C VAL B 71 -6.00 -4.10 -20.62
N MET B 72 -5.44 -3.04 -20.06
N MET B 72 -5.46 -3.03 -20.07
CA MET B 72 -6.24 -1.96 -19.41
CA MET B 72 -6.33 -2.03 -19.40
C MET B 72 -7.13 -1.28 -20.46
C MET B 72 -7.14 -1.24 -20.45
N LYS B 73 -6.61 -1.09 -21.68
CA LYS B 73 -7.40 -0.50 -22.78
C LYS B 73 -8.61 -1.38 -23.06
N GLU B 74 -8.41 -2.69 -23.13
N GLU B 74 -8.37 -2.69 -23.12
CA GLU B 74 -9.53 -3.63 -23.40
CA GLU B 74 -9.43 -3.72 -23.36
C GLU B 74 -10.51 -3.58 -22.21
C GLU B 74 -10.46 -3.67 -22.23
N LEU B 75 -10.02 -3.48 -20.98
CA LEU B 75 -10.93 -3.40 -19.81
C LEU B 75 -11.76 -2.12 -19.89
N ILE B 76 -11.16 -1.01 -20.29
CA ILE B 76 -11.90 0.26 -20.46
C ILE B 76 -12.99 0.08 -21.52
N THR B 77 -12.69 -0.59 -22.64
CA THR B 77 -13.70 -0.83 -23.70
C THR B 77 -14.92 -1.52 -23.07
N LEU B 78 -14.68 -2.54 -22.24
CA LEU B 78 -15.78 -3.28 -21.58
C LEU B 78 -16.48 -2.41 -20.54
N ALA B 79 -15.76 -1.60 -19.78
CA ALA B 79 -16.34 -0.70 -18.77
C ALA B 79 -17.28 0.31 -19.48
N LYS B 80 -16.87 0.82 -20.63
CA LYS B 80 -17.69 1.78 -21.39
C LYS B 80 -18.91 1.06 -21.97
N CYS B 81 -18.72 -0.12 -22.52
CA CYS B 81 -19.80 -0.90 -23.17
C CYS B 81 -20.88 -1.22 -22.12
N HIS B 82 -20.49 -1.84 -21.02
CA HIS B 82 -21.44 -2.36 -20.01
C HIS B 82 -21.79 -1.32 -18.96
N GLU B 83 -21.04 -0.21 -18.88
CA GLU B 83 -21.25 0.89 -17.92
C GLU B 83 -20.91 0.45 -16.50
N PHE B 84 -19.63 0.41 -16.20
CA PHE B 84 -19.15 0.24 -14.81
C PHE B 84 -17.88 1.04 -14.66
N LEU B 85 -17.58 1.41 -13.42
CA LEU B 85 -16.29 2.08 -13.14
C LEU B 85 -15.20 1.04 -12.86
N ILE B 86 -13.97 1.47 -13.06
CA ILE B 86 -12.77 0.68 -12.71
C ILE B 86 -12.16 1.28 -11.45
N PHE B 87 -11.95 0.44 -10.46
CA PHE B 87 -11.39 0.83 -9.16
C PHE B 87 -10.15 -0.01 -8.92
N GLU B 88 -8.98 0.62 -8.92
CA GLU B 88 -7.72 -0.09 -8.57
C GLU B 88 -7.52 0.02 -7.05
N ASP B 89 -7.55 -1.13 -6.40
CA ASP B 89 -7.48 -1.26 -4.93
C ASP B 89 -6.02 -1.26 -4.49
N ARG B 90 -5.33 -0.17 -4.79
CA ARG B 90 -3.86 -0.07 -4.60
C ARG B 90 -3.53 0.30 -3.15
OH ALY B 91 -7.46 -1.93 3.60
CH ALY B 91 -7.32 -3.10 3.30
CH3 ALY B 91 -7.35 -4.18 4.35
NZ ALY B 91 -7.08 -3.49 2.04
CE ALY B 91 -6.99 -2.56 0.92
CD ALY B 91 -5.61 -1.89 0.87
CG ALY B 91 -5.50 -0.86 -0.24
CB ALY B 91 -4.22 -0.06 -0.12
CA ALY B 91 -4.23 1.21 -1.00
N ALY B 91 -4.47 0.88 -2.40
C ALY B 91 -2.94 2.01 -0.82
O ALY B 91 -2.05 1.67 -0.04
N PHE B 92 -2.86 3.13 -1.55
CA PHE B 92 -1.73 4.04 -1.39
C PHE B 92 -1.58 4.39 0.08
N ALA B 93 -0.34 4.43 0.56
CA ALA B 93 -0.10 4.47 2.03
C ALA B 93 1.31 4.98 2.33
N ASP B 94 1.80 5.87 1.49
CA ASP B 94 3.17 6.43 1.62
C ASP B 94 3.05 7.94 1.75
N ILE B 95 4.19 8.59 1.88
CA ILE B 95 4.21 10.07 1.92
C ILE B 95 3.68 10.59 0.58
N GLY B 96 3.16 11.82 0.61
CA GLY B 96 2.56 12.45 -0.56
C GLY B 96 3.49 12.45 -1.76
N ASN B 97 4.76 12.78 -1.55
CA ASN B 97 5.69 12.91 -2.70
C ASN B 97 5.84 11.57 -3.42
N THR B 98 5.83 10.47 -2.67
CA THR B 98 5.99 9.11 -3.24
C THR B 98 4.69 8.67 -3.93
N VAL B 99 3.55 8.84 -3.29
CA VAL B 99 2.30 8.26 -3.87
C VAL B 99 1.98 8.96 -5.19
N LYS B 100 2.34 10.23 -5.35
CA LYS B 100 2.03 10.91 -6.62
C LYS B 100 2.68 10.14 -7.79
N LYS B 101 3.91 9.68 -7.58
N LYS B 101 3.92 9.68 -7.61
CA LYS B 101 4.70 8.93 -8.57
CA LYS B 101 4.64 8.93 -8.67
C LYS B 101 4.11 7.54 -8.78
C LYS B 101 4.08 7.50 -8.80
N GLN B 102 3.72 6.88 -7.68
CA GLN B 102 3.15 5.51 -7.74
C GLN B 102 1.81 5.52 -8.47
N TYR B 103 1.10 6.63 -8.42
CA TYR B 103 -0.24 6.78 -9.02
C TYR B 103 -0.11 7.09 -10.51
N GLU B 104 0.78 8.01 -10.88
CA GLU B 104 0.88 8.45 -12.29
C GLU B 104 1.77 7.55 -13.12
N GLY B 105 2.85 7.06 -12.52
CA GLY B 105 4.00 6.57 -13.29
C GLY B 105 4.23 5.10 -13.16
N GLY B 106 5.50 4.72 -13.26
CA GLY B 106 5.91 3.32 -13.29
C GLY B 106 5.31 2.59 -14.47
N ILE B 107 5.28 1.29 -14.40
N ILE B 107 5.31 1.27 -14.38
CA ILE B 107 4.77 0.48 -15.55
CA ILE B 107 4.79 0.37 -15.45
C ILE B 107 3.24 0.47 -15.53
C ILE B 107 3.27 0.49 -15.51
N PHE B 108 2.59 0.65 -14.37
CA PHE B 108 1.11 0.48 -14.31
C PHE B 108 0.37 1.72 -14.81
N LYS B 109 0.95 2.91 -14.68
CA LYS B 109 0.25 4.19 -15.01
C LYS B 109 -1.20 4.11 -14.52
N ILE B 110 -1.39 3.89 -13.23
CA ILE B 110 -2.73 3.60 -12.67
C ILE B 110 -3.69 4.75 -13.03
N ALA B 111 -3.28 5.99 -12.86
CA ALA B 111 -4.19 7.15 -13.04
C ALA B 111 -4.71 7.20 -14.48
N SER B 112 -4.01 6.63 -15.46
N SER B 112 -4.01 6.62 -15.45
CA SER B 112 -4.42 6.70 -16.89
CA SER B 112 -4.36 6.64 -16.90
C SER B 112 -5.69 5.87 -17.13
C SER B 112 -5.59 5.78 -17.20
N TRP B 113 -5.96 4.84 -16.32
CA TRP B 113 -7.09 3.91 -16.59
C TRP B 113 -8.03 3.74 -15.40
N ALA B 114 -7.66 4.07 -14.17
CA ALA B 114 -8.52 3.82 -12.99
C ALA B 114 -9.40 5.03 -12.71
N ASP B 115 -10.71 4.85 -12.76
N ASP B 115 -10.71 4.86 -12.75
CA ASP B 115 -11.66 5.90 -12.34
CA ASP B 115 -11.66 5.92 -12.35
C ASP B 115 -11.43 6.23 -10.87
C ASP B 115 -11.50 6.22 -10.86
N LEU B 116 -11.25 5.19 -10.06
CA LEU B 116 -11.14 5.29 -8.59
C LEU B 116 -9.87 4.56 -8.16
N VAL B 117 -9.24 5.12 -7.14
CA VAL B 117 -8.22 4.43 -6.32
C VAL B 117 -8.60 4.63 -4.86
N ASN B 118 -7.85 3.99 -3.97
CA ASN B 118 -8.05 4.19 -2.53
C ASN B 118 -6.72 4.44 -1.85
N ALA B 119 -6.82 4.94 -0.64
CA ALA B 119 -5.66 5.27 0.19
C ALA B 119 -5.96 4.97 1.65
N HIS B 120 -4.93 4.54 2.36
CA HIS B 120 -4.96 4.51 3.83
C HIS B 120 -4.71 5.92 4.35
N VAL B 121 -5.29 6.22 5.50
CA VAL B 121 -5.19 7.57 6.11
C VAL B 121 -4.05 7.64 7.12
N VAL B 122 -3.45 6.51 7.47
CA VAL B 122 -2.42 6.47 8.54
C VAL B 122 -1.26 7.43 8.27
N PRO B 123 -0.79 7.73 7.03
CA PRO B 123 0.32 8.68 6.87
C PRO B 123 -0.02 10.14 7.12
N GLY B 124 -1.30 10.44 7.33
CA GLY B 124 -1.80 11.81 7.39
C GLY B 124 -2.21 12.31 6.02
N SER B 125 -2.74 13.53 5.99
CA SER B 125 -3.45 14.05 4.79
C SER B 125 -2.51 14.27 3.60
N GLY B 126 -1.18 14.29 3.79
CA GLY B 126 -0.26 14.36 2.65
C GLY B 126 -0.49 13.24 1.64
N VAL B 127 -0.96 12.07 2.07
CA VAL B 127 -1.21 10.97 1.10
C VAL B 127 -2.30 11.42 0.11
N VAL B 128 -3.32 12.10 0.61
CA VAL B 128 -4.44 12.59 -0.26
C VAL B 128 -3.94 13.74 -1.12
N LYS B 129 -3.19 14.66 -0.53
N LYS B 129 -3.21 14.67 -0.53
CA LYS B 129 -2.67 15.85 -1.25
CA LYS B 129 -2.70 15.83 -1.29
C LYS B 129 -1.77 15.38 -2.41
C LYS B 129 -1.81 15.34 -2.44
N GLY B 130 -0.91 14.38 -2.18
CA GLY B 130 -0.05 13.86 -3.25
C GLY B 130 -0.88 13.22 -4.37
N LEU B 131 -1.81 12.35 -4.01
CA LEU B 131 -2.65 11.69 -5.04
C LEU B 131 -3.43 12.74 -5.82
N GLN B 132 -4.02 13.71 -5.13
N GLN B 132 -3.88 13.81 -5.16
CA GLN B 132 -4.99 14.66 -5.74
CA GLN B 132 -4.68 14.89 -5.81
C GLN B 132 -4.28 15.53 -6.78
C GLN B 132 -3.84 15.60 -6.88
N GLU B 133 -2.95 15.72 -6.64
N GLU B 133 -2.54 15.79 -6.67
CA GLU B 133 -2.16 16.52 -7.61
CA GLU B 133 -1.67 16.47 -7.65
C GLU B 133 -2.16 15.84 -8.99
C GLU B 133 -1.83 15.80 -9.03
N VAL B 134 -2.16 14.51 -9.03
CA VAL B 134 -2.28 13.72 -10.28
C VAL B 134 -3.77 13.53 -10.61
N GLY B 135 -4.57 13.18 -9.61
CA GLY B 135 -5.96 12.75 -9.84
C GLY B 135 -6.90 13.87 -10.23
N LEU B 136 -6.73 15.06 -9.65
N LEU B 136 -6.73 15.07 -9.67
CA LEU B 136 -7.67 16.18 -9.97
CA LEU B 136 -7.67 16.18 -9.96
C LEU B 136 -7.55 16.54 -11.45
C LEU B 136 -7.56 16.59 -11.43
N PRO B 137 -6.34 16.80 -12.00
CA PRO B 137 -6.24 17.11 -13.43
C PRO B 137 -6.76 15.98 -14.34
N LEU B 138 -6.68 14.73 -13.89
CA LEU B 138 -7.17 13.57 -14.67
C LEU B 138 -8.61 13.23 -14.31
N HIS B 139 -9.29 14.08 -13.54
CA HIS B 139 -10.76 13.96 -13.31
C HIS B 139 -11.08 12.65 -12.60
N ARG B 140 -10.20 12.21 -11.71
CA ARG B 140 -10.37 10.94 -10.99
C ARG B 140 -10.94 11.16 -9.59
N GLY B 141 -11.32 10.05 -8.96
CA GLY B 141 -11.76 10.07 -7.56
C GLY B 141 -10.97 9.10 -6.70
N CYS B 142 -11.09 9.30 -5.40
CA CYS B 142 -10.36 8.52 -4.39
C CYS B 142 -11.32 8.09 -3.29
N LEU B 143 -11.08 6.89 -2.76
CA LEU B 143 -11.78 6.39 -1.55
C LEU B 143 -10.79 6.29 -0.40
N LEU B 144 -11.20 6.69 0.80
CA LEU B 144 -10.32 6.55 1.99
C LEU B 144 -10.75 5.34 2.78
N ILE B 145 -9.77 4.60 3.29
CA ILE B 145 -10.03 3.34 4.01
C ILE B 145 -10.29 3.70 5.47
N ALA B 146 -11.56 3.73 5.84
CA ALA B 146 -12.00 4.16 7.18
C ALA B 146 -12.13 2.97 8.12
N GLU B 147 -12.51 1.80 7.57
CA GLU B 147 -12.64 0.54 8.35
C GLU B 147 -12.18 -0.57 7.42
N MET B 148 -11.70 -1.65 8.02
N MET B 148 -11.66 -1.64 8.00
CA MET B 148 -11.18 -2.82 7.26
CA MET B 148 -11.21 -2.83 7.23
C MET B 148 -11.91 -4.08 7.74
C MET B 148 -11.88 -4.09 7.74
N SER B 149 -11.99 -5.07 6.86
CA SER B 149 -12.77 -6.31 7.11
C SER B 149 -11.97 -7.34 7.91
N SER B 150 -10.66 -7.15 8.07
CA SER B 150 -9.74 -8.19 8.53
C SER B 150 -9.64 -8.20 10.06
N THR B 151 -9.38 -9.38 10.61
CA THR B 151 -9.26 -9.58 12.05
C THR B 151 -8.06 -8.80 12.60
N GLY B 152 -8.29 -8.04 13.66
CA GLY B 152 -7.24 -7.24 14.29
C GLY B 152 -7.09 -5.87 13.66
N SER B 153 -7.94 -5.51 12.70
CA SER B 153 -7.94 -4.15 12.11
C SER B 153 -7.82 -3.09 13.20
N LEU B 154 -6.93 -2.12 13.00
CA LEU B 154 -6.76 -0.97 13.93
C LEU B 154 -7.54 0.24 13.41
N ALA B 155 -8.34 0.06 12.35
CA ALA B 155 -9.12 1.17 11.75
C ALA B 155 -10.46 1.24 12.47
N THR B 156 -10.42 1.69 13.73
CA THR B 156 -11.59 1.79 14.63
C THR B 156 -11.51 3.12 15.37
N GLY B 157 -12.62 3.51 16.00
CA GLY B 157 -12.70 4.66 16.92
C GLY B 157 -12.15 5.93 16.28
N ASP B 158 -11.16 6.54 16.92
CA ASP B 158 -10.59 7.83 16.47
C ASP B 158 -10.00 7.71 15.06
N TYR B 159 -9.49 6.54 14.67
CA TYR B 159 -8.88 6.32 13.34
C TYR B 159 -9.95 6.52 12.26
N THR B 160 -11.08 5.86 12.45
CA THR B 160 -12.24 5.97 11.52
C THR B 160 -12.70 7.43 11.47
N ARG B 161 -12.82 8.10 12.61
CA ARG B 161 -13.23 9.53 12.66
C ARG B 161 -12.21 10.38 11.88
N ALA B 162 -10.93 10.09 12.00
CA ALA B 162 -9.89 10.83 11.25
C ALA B 162 -10.06 10.61 9.74
N ALA B 163 -10.39 9.41 9.30
CA ALA B 163 -10.61 9.13 7.87
C ALA B 163 -11.79 9.96 7.36
N VAL B 164 -12.87 10.00 8.14
CA VAL B 164 -14.08 10.77 7.72
C VAL B 164 -13.72 12.26 7.62
N ARG B 165 -13.01 12.81 8.61
CA ARG B 165 -12.60 14.25 8.57
C ARG B 165 -11.74 14.48 7.31
N MET B 166 -10.77 13.62 7.05
CA MET B 166 -9.84 13.80 5.92
C MET B 166 -10.63 13.79 4.60
N ALA B 167 -11.63 12.91 4.49
CA ALA B 167 -12.48 12.84 3.29
C ALA B 167 -13.27 14.14 3.14
N GLU B 168 -13.90 14.58 4.23
N GLU B 168 -13.99 14.54 4.20
CA GLU B 168 -14.86 15.69 4.17
CA GLU B 168 -14.81 15.79 4.22
C GLU B 168 -14.09 17.00 3.92
C GLU B 168 -13.98 16.93 3.66
N GLU B 169 -12.76 17.04 4.19
CA GLU B 169 -11.86 18.20 3.97
C GLU B 169 -11.19 18.13 2.58
N HIS B 170 -11.34 17.04 1.83
CA HIS B 170 -10.76 16.87 0.48
C HIS B 170 -11.82 16.38 -0.50
N SER B 171 -13.01 16.98 -0.42
CA SER B 171 -14.20 16.52 -1.18
C SER B 171 -14.06 16.80 -2.68
N GLU B 172 -13.09 17.62 -3.11
CA GLU B 172 -12.83 17.83 -4.56
C GLU B 172 -12.29 16.55 -5.19
N PHE B 173 -11.76 15.62 -4.40
CA PHE B 173 -11.08 14.41 -4.92
C PHE B 173 -11.58 13.14 -4.23
N VAL B 174 -11.84 13.22 -2.93
CA VAL B 174 -12.30 12.04 -2.15
C VAL B 174 -13.81 11.93 -2.32
N VAL B 175 -14.27 10.78 -2.80
CA VAL B 175 -15.70 10.55 -3.14
C VAL B 175 -16.34 9.56 -2.18
N GLY B 176 -15.58 8.99 -1.25
CA GLY B 176 -16.17 8.03 -0.32
C GLY B 176 -15.14 7.20 0.37
N PHE B 177 -15.60 6.06 0.84
CA PHE B 177 -14.88 5.22 1.81
C PHE B 177 -14.90 3.76 1.40
N ILE B 178 -13.84 3.09 1.79
CA ILE B 178 -13.90 1.64 2.11
C ILE B 178 -14.25 1.59 3.59
N SER B 179 -15.34 0.90 3.91
CA SER B 179 -15.80 0.83 5.31
C SER B 179 -16.67 -0.40 5.47
N GLY B 180 -16.99 -0.75 6.71
CA GLY B 180 -17.90 -1.88 6.98
C GLY B 180 -19.32 -1.41 7.15
N SER B 181 -19.56 -0.12 7.07
N SER B 181 -19.53 -0.10 7.35
CA SER B 181 -20.80 0.54 7.52
CA SER B 181 -20.82 0.53 7.68
C SER B 181 -20.84 1.96 6.96
C SER B 181 -20.80 1.97 7.15
N ARG B 182 -21.97 2.61 7.13
CA ARG B 182 -22.06 4.07 6.95
C ARG B 182 -21.19 4.72 8.03
N VAL B 183 -20.20 5.50 7.63
CA VAL B 183 -19.30 6.24 8.56
C VAL B 183 -19.49 7.75 8.42
N SER B 184 -19.92 8.24 7.26
CA SER B 184 -20.22 9.68 7.04
C SER B 184 -21.73 9.84 6.98
N MET B 185 -22.23 10.91 7.60
CA MET B 185 -23.66 11.28 7.52
C MET B 185 -23.92 12.14 6.27
N LYS B 186 -22.91 12.42 5.47
CA LYS B 186 -23.07 13.29 4.27
C LYS B 186 -23.38 12.40 3.07
N PRO B 187 -24.56 12.53 2.43
CA PRO B 187 -24.97 11.57 1.40
C PRO B 187 -24.20 11.63 0.08
N GLU B 188 -23.36 12.67 -0.08
N GLU B 188 -23.35 12.65 -0.10
CA GLU B 188 -22.47 12.84 -1.25
CA GLU B 188 -22.53 12.76 -1.34
C GLU B 188 -21.39 11.75 -1.28
C GLU B 188 -21.29 11.85 -1.25
N PHE B 189 -21.08 11.16 -0.14
CA PHE B 189 -19.98 10.16 -0.02
C PHE B 189 -20.54 8.76 -0.24
N LEU B 190 -19.77 7.98 -0.97
N LEU B 190 -19.85 7.97 -1.07
CA LEU B 190 -20.03 6.54 -1.23
CA LEU B 190 -20.16 6.53 -1.23
C LEU B 190 -19.44 5.68 -0.11
C LEU B 190 -19.55 5.77 -0.06
N HIS B 191 -20.18 4.66 0.32
CA HIS B 191 -19.63 3.62 1.22
C HIS B 191 -19.53 2.31 0.46
N LEU B 192 -18.33 1.77 0.33
CA LEU B 192 -18.07 0.46 -0.31
C LEU B 192 -17.56 -0.50 0.73
N THR B 193 -18.16 -1.68 0.78
CA THR B 193 -17.88 -2.66 1.86
C THR B 193 -17.40 -3.98 1.27
N PRO B 194 -16.13 -4.33 1.50
CA PRO B 194 -15.61 -5.66 1.23
C PRO B 194 -15.82 -6.56 2.45
N GLY B 195 -15.36 -7.81 2.36
CA GLY B 195 -15.65 -8.82 3.39
C GLY B 195 -17.10 -9.26 3.33
N VAL B 196 -17.56 -9.58 2.12
CA VAL B 196 -18.98 -9.93 1.90
C VAL B 196 -19.09 -11.32 1.26
N GLN B 197 -19.91 -12.17 1.87
CA GLN B 197 -20.35 -13.46 1.29
C GLN B 197 -21.77 -13.72 1.77
N LEU B 198 -22.51 -14.57 1.05
CA LEU B 198 -23.88 -14.94 1.49
C LEU B 198 -23.81 -15.81 2.75
N GLU B 199 -22.83 -16.70 2.82
CA GLU B 199 -22.69 -17.63 3.96
C GLU B 199 -21.74 -17.06 5.01
N ALA B 200 -21.96 -17.41 6.28
CA ALA B 200 -21.03 -17.06 7.38
C ALA B 200 -19.69 -17.74 7.11
N GLY B 201 -18.62 -17.06 7.53
CA GLY B 201 -17.29 -17.64 7.50
C GLY B 201 -16.22 -16.60 7.31
N GLY B 202 -15.07 -17.06 6.83
CA GLY B 202 -13.86 -16.23 6.73
C GLY B 202 -12.87 -16.96 5.86
N ASP B 203 -11.63 -16.51 5.86
CA ASP B 203 -10.53 -17.30 5.26
C ASP B 203 -9.52 -17.60 6.35
N ASN B 204 -8.40 -18.20 5.96
CA ASN B 204 -7.36 -18.66 6.91
C ASN B 204 -6.31 -17.58 7.17
N LEU B 205 -6.53 -16.37 6.66
CA LEU B 205 -5.57 -15.25 6.79
C LEU B 205 -6.32 -13.98 7.22
N GLY B 206 -7.29 -14.12 8.11
CA GLY B 206 -7.90 -12.98 8.82
C GLY B 206 -9.07 -12.32 8.11
N GLN B 207 -9.47 -12.77 6.92
CA GLN B 207 -10.69 -12.21 6.28
C GLN B 207 -11.90 -12.67 7.07
N GLN B 208 -12.85 -11.78 7.27
CA GLN B 208 -14.14 -12.03 7.95
C GLN B 208 -15.27 -11.61 7.02
N TYR B 209 -16.30 -12.44 6.91
CA TYR B 209 -17.45 -12.16 6.00
C TYR B 209 -18.70 -11.78 6.79
N ASN B 210 -19.44 -10.86 6.17
CA ASN B 210 -20.82 -10.50 6.54
C ASN B 210 -21.66 -10.52 5.27
N SER B 211 -22.97 -10.64 5.43
CA SER B 211 -23.86 -10.81 4.28
C SER B 211 -24.23 -9.45 3.68
N PRO B 212 -24.68 -9.45 2.41
CA PRO B 212 -25.18 -8.21 1.81
C PRO B 212 -26.31 -7.58 2.64
N GLN B 213 -27.24 -8.38 3.14
CA GLN B 213 -28.34 -7.82 3.95
C GLN B 213 -27.76 -7.12 5.18
N GLU B 214 -26.78 -7.73 5.84
CA GLU B 214 -26.17 -7.11 7.05
C GLU B 214 -25.50 -5.78 6.67
N VAL B 215 -24.66 -5.76 5.64
N VAL B 215 -24.67 -5.84 5.63
CA VAL B 215 -23.80 -4.55 5.45
CA VAL B 215 -23.75 -4.74 5.23
C VAL B 215 -24.58 -3.45 4.73
C VAL B 215 -24.56 -3.53 4.73
N ILE B 216 -25.47 -3.77 3.80
CA ILE B 216 -26.27 -2.74 3.09
C ILE B 216 -27.47 -2.39 3.96
N GLY B 217 -28.21 -3.38 4.43
CA GLY B 217 -29.48 -3.14 5.13
C GLY B 217 -29.26 -2.65 6.55
N LYS B 218 -28.54 -3.41 7.38
CA LYS B 218 -28.40 -3.08 8.82
C LYS B 218 -27.31 -2.02 9.01
N ARG B 219 -26.17 -2.10 8.30
CA ARG B 219 -24.99 -1.23 8.54
C ARG B 219 -25.03 0.00 7.63
N GLY B 220 -25.91 0.04 6.63
CA GLY B 220 -26.20 1.26 5.85
C GLY B 220 -25.15 1.59 4.80
N SER B 221 -24.36 0.62 4.37
N SER B 221 -24.34 0.62 4.38
CA SER B 221 -23.37 0.84 3.30
CA SER B 221 -23.35 0.83 3.28
C SER B 221 -24.07 0.88 1.94
C SER B 221 -24.09 0.91 1.94
N ASP B 222 -23.38 1.33 0.90
CA ASP B 222 -23.98 1.53 -0.45
C ASP B 222 -23.69 0.36 -1.38
N ILE B 223 -22.46 -0.13 -1.38
CA ILE B 223 -21.96 -1.06 -2.42
C ILE B 223 -21.27 -2.20 -1.71
N ILE B 224 -21.53 -3.42 -2.16
CA ILE B 224 -20.77 -4.59 -1.68
C ILE B 224 -19.64 -4.88 -2.66
N ILE B 225 -18.48 -5.23 -2.10
CA ILE B 225 -17.31 -5.68 -2.88
C ILE B 225 -17.17 -7.18 -2.64
N VAL B 226 -17.22 -7.98 -3.69
CA VAL B 226 -17.24 -9.46 -3.56
C VAL B 226 -16.21 -10.04 -4.50
N GLY B 227 -15.26 -10.80 -3.92
CA GLY B 227 -14.24 -11.54 -4.67
C GLY B 227 -14.59 -13.00 -4.73
N ARG B 228 -14.02 -13.80 -3.84
CA ARG B 228 -14.12 -15.28 -3.89
C ARG B 228 -15.57 -15.78 -3.90
N GLY B 229 -16.51 -15.09 -3.24
CA GLY B 229 -17.91 -15.51 -3.26
C GLY B 229 -18.43 -15.63 -4.68
N ILE B 230 -17.91 -14.83 -5.60
CA ILE B 230 -18.19 -14.94 -7.05
C ILE B 230 -17.09 -15.75 -7.74
N ILE B 231 -15.82 -15.35 -7.60
CA ILE B 231 -14.69 -15.82 -8.46
CA ILE B 231 -14.82 -15.87 -8.57
C ILE B 231 -14.50 -17.35 -8.31
N SER B 232 -14.70 -17.87 -7.10
CA SER B 232 -14.47 -19.31 -6.84
C SER B 232 -15.70 -20.15 -7.19
N ALA B 233 -16.86 -19.53 -7.41
CA ALA B 233 -18.08 -20.25 -7.82
C ALA B 233 -17.90 -20.81 -9.23
N ALA B 234 -18.60 -21.91 -9.55
CA ALA B 234 -18.51 -22.48 -10.91
C ALA B 234 -19.10 -21.47 -11.90
N ASP B 235 -20.35 -21.08 -11.68
CA ASP B 235 -21.05 -20.14 -12.56
C ASP B 235 -20.93 -18.73 -11.98
N ARG B 236 -19.93 -17.99 -12.42
CA ARG B 236 -19.65 -16.64 -11.87
C ARG B 236 -20.77 -15.65 -12.27
N LEU B 237 -21.45 -15.87 -13.38
CA LEU B 237 -22.55 -14.96 -13.78
C LEU B 237 -23.73 -15.13 -12.81
N GLU B 238 -24.15 -16.36 -12.57
CA GLU B 238 -25.26 -16.58 -11.61
C GLU B 238 -24.83 -16.10 -10.22
N ALA B 239 -23.58 -16.36 -9.80
CA ALA B 239 -23.16 -15.87 -8.47
C ALA B 239 -23.27 -14.34 -8.43
N ALA B 240 -22.80 -13.66 -9.46
CA ALA B 240 -22.87 -12.18 -9.52
C ALA B 240 -24.33 -11.73 -9.41
N GLU B 241 -25.23 -12.43 -10.10
CA GLU B 241 -26.67 -12.06 -10.06
C GLU B 241 -27.22 -12.25 -8.64
N MET B 242 -26.83 -13.33 -7.96
N MET B 242 -26.82 -13.32 -7.95
CA MET B 242 -27.28 -13.58 -6.56
CA MET B 242 -27.29 -13.56 -6.58
C MET B 242 -26.82 -12.39 -5.71
C MET B 242 -26.81 -12.42 -5.67
N TYR B 243 -25.54 -12.02 -5.80
CA TYR B 243 -25.01 -10.91 -4.97
C TYR B 243 -25.68 -9.58 -5.35
N ARG B 244 -25.89 -9.35 -6.64
CA ARG B 244 -26.54 -8.11 -7.09
C ARG B 244 -27.94 -8.02 -6.50
N LYS B 245 -28.71 -9.09 -6.63
CA LYS B 245 -30.11 -9.05 -6.16
C LYS B 245 -30.14 -8.88 -4.64
N ALA B 246 -29.22 -9.53 -3.92
CA ALA B 246 -29.16 -9.38 -2.45
C ALA B 246 -28.87 -7.92 -2.10
N ALA B 247 -27.84 -7.34 -2.68
CA ALA B 247 -27.43 -5.96 -2.32
C ALA B 247 -28.51 -4.96 -2.73
N TRP B 248 -29.14 -5.19 -3.88
CA TRP B 248 -30.12 -4.23 -4.42
C TRP B 248 -31.36 -4.24 -3.53
N GLU B 249 -31.86 -5.40 -3.17
N GLU B 249 -31.87 -5.42 -3.18
CA GLU B 249 -33.08 -5.47 -2.32
CA GLU B 249 -33.07 -5.51 -2.33
C GLU B 249 -32.79 -4.92 -0.93
C GLU B 249 -32.79 -4.92 -0.95
N ALA B 250 -31.60 -5.16 -0.38
CA ALA B 250 -31.25 -4.62 0.94
C ALA B 250 -31.28 -3.08 0.86
N TYR B 251 -30.78 -2.53 -0.23
CA TYR B 251 -30.80 -1.06 -0.46
C TYR B 251 -32.26 -0.58 -0.54
N LEU B 252 -33.08 -1.24 -1.34
CA LEU B 252 -34.48 -0.79 -1.55
C LEU B 252 -35.22 -0.80 -0.21
N SER B 253 -35.01 -1.82 0.61
N SER B 253 -35.04 -1.88 0.55
CA SER B 253 -35.79 -2.03 1.86
CA SER B 253 -35.66 -2.11 1.88
C SER B 253 -35.38 -1.01 2.92
C SER B 253 -35.42 -0.89 2.76
N ARG B 254 -34.15 -0.48 2.84
CA ARG B 254 -33.71 0.63 3.72
C ARG B 254 -34.36 1.94 3.27
N LEU B 255 -34.62 2.13 1.97
CA LEU B 255 -35.26 3.35 1.41
C LEU B 255 -36.71 3.48 1.86
N GLY B 256 -37.44 2.35 1.88
CA GLY B 256 -38.90 2.31 2.14
C GLY B 256 -39.70 2.82 0.96
C1 GOL C . 0.94 7.79 25.16
O1 GOL C . 0.10 6.86 24.49
C2 GOL C . 2.19 8.07 24.34
O2 GOL C . 2.96 6.87 24.24
C3 GOL C . 1.91 8.61 22.96
O3 GOL C . 0.58 9.12 22.83
S SO4 D . 9.40 15.39 15.50
O1 SO4 D . 9.17 15.60 16.91
O2 SO4 D . 10.58 16.08 15.08
O3 SO4 D . 8.27 15.88 14.76
O4 SO4 D . 9.57 13.98 15.25
S SO4 E . 3.28 20.36 6.82
O1 SO4 E . 4.18 19.24 6.86
O2 SO4 E . 3.25 20.98 8.11
O3 SO4 E . 1.96 19.88 6.49
O4 SO4 E . 3.71 21.29 5.82
N1 U5P F . 9.29 6.81 3.64
C2 U5P F . 9.21 8.04 4.28
N3 U5P F . 8.59 8.01 5.50
C4 U5P F . 8.11 6.90 6.18
C5 U5P F . 8.26 5.67 5.46
C6 U5P F . 8.83 5.65 4.26
O2 U5P F . 9.66 9.08 3.80
O4 U5P F . 7.62 7.04 7.30
C1' U5P F . 9.97 6.72 2.33
C2' U5P F . 9.41 7.58 1.20
O2' U5P F . 8.49 6.87 0.40
C3' U5P F . 10.67 7.89 0.39
C4' U5P F . 11.77 7.98 1.46
O3' U5P F . 10.94 6.89 -0.58
O4' U5P F . 11.35 7.09 2.53
C5' U5P F . 12.01 9.37 1.98
O5' U5P F . 12.67 10.09 0.94
P U5P F . 13.23 11.57 1.13
O1P U5P F . 12.17 12.39 1.85
O2P U5P F . 13.51 12.00 -0.27
O3P U5P F . 14.48 11.45 1.96
C1 GOL G . -16.62 4.59 17.97
O1 GOL G . -16.99 3.60 17.03
C2 GOL G . -16.28 3.98 19.33
O2 GOL G . -15.26 2.99 19.17
C3 GOL G . -15.82 5.02 20.33
O3 GOL G . -14.47 5.42 20.09
S SO4 H . -9.26 -15.09 12.53
O1 SO4 H . -7.92 -14.63 12.80
O2 SO4 H . -10.04 -15.04 13.75
O3 SO4 H . -9.20 -16.45 12.06
O4 SO4 H . -9.86 -14.26 11.54
S SO4 I . -18.32 -7.73 12.71
O1 SO4 I . -17.15 -8.49 13.03
O2 SO4 I . -18.85 -7.16 13.91
O3 SO4 I . -18.00 -6.69 11.78
O4 SO4 I . -19.31 -8.60 12.12
N1 U5P J . -10.30 -5.71 0.65
C2 U5P J . -10.78 -6.48 1.70
N3 U5P J . -10.95 -5.79 2.88
C4 U5P J . -10.76 -4.44 3.09
C5 U5P J . -10.28 -3.71 1.95
C6 U5P J . -10.07 -4.36 0.80
O2 U5P J . -11.04 -7.67 1.61
O4 U5P J . -11.01 -3.96 4.20
C1' U5P J . -10.11 -6.35 -0.67
C2' U5P J . -9.16 -7.55 -0.75
O2' U5P J . -7.85 -7.16 -1.12
C3' U5P J . -9.78 -8.40 -1.84
C4' U5P J . -11.28 -8.14 -1.69
O3' U5P J . -9.30 -8.01 -3.12
O4' U5P J . -11.39 -6.80 -1.13
C5' U5P J . -12.00 -9.14 -0.82
O5' U5P J . -12.05 -10.36 -1.56
P U5P J . -12.84 -11.64 -1.03
O1P U5P J . -14.31 -11.35 -1.24
O2P U5P J . -12.47 -11.90 0.39
O3P U5P J . -12.35 -12.72 -1.94
#